data_3CZK
#
_entry.id   3CZK
#
_cell.length_a   96.500
_cell.length_b   118.600
_cell.length_c   55.600
_cell.angle_alpha   90.000
_cell.angle_beta   90.000
_cell.angle_gamma   90.000
#
_symmetry.space_group_name_H-M   'P 21 21 2'
#
loop_
_entity.id
_entity.type
_entity.pdbx_description
1 polymer 'Sucrose hydrolase'
2 branched beta-D-fructofuranose-(2-1)-alpha-D-glucopyranose
3 water water
#
_entity_poly.entity_id   1
_entity_poly.type   'polypeptide(L)'
_entity_poly.pdbx_seq_one_letter_code
;MSTCPIDPPALRAAFAGPLDPQHAEVLLSRYDQHASRLLDALHALYGQRADYASWLAQWLGEVGDIARQRPQALQTLDST
RHAGWFGQPHMLGYSAYADRFAGTLQGVAERVPYLQELGVRYLHLLPFLRARAGDNDGGFAVSDYGQVEPSLGSNDDLVA
LTSRLREAGISLCADFVLNHTADDHAWAQAARAGDARYLDYYHHFADRTVPDRYEATLGQVFPHTAPGNFTWVDDTAQWM
WTTFYPYQWDLNWSNPAVFGDMALAMLRLANLGVEAFRLDSTAYLWKRIGTDCMNQSEAHTLLVALRAVTDIVAPAVVMK
AQAIVPMTQLPPYFGSGVDEGHECHLAYHSTLMAAGWSALALQRGDILHNVIAHSPPLPRHCAWLSYVRCHDDIGWNVLQ
HEACGNAAQPPFSLRDVARFYANAVPGSYARGESFQSSGDGVHGTNGMAAALAGIQAAQEAGDAAALAVAVDRLVLLYAI
ALAMPGVPLIYMGDELAMVNDPGYRDDPHRQHEGRWLHRPAMDWQLAAQRHDAKSLSGTVYRRLRGLIRQRAALGALAAD
QALASIALNDPRVFALTRGDSFIALHNFSDQLLDVELAAIGVDGWTLLAIDDAIGGAAARGDGSIVLPPYGVRWLQRGTE
HAPE
;
_entity_poly.pdbx_strand_id   A
#
# COMPACT_ATOMS: atom_id res chain seq x y z
N ILE A 6 -17.14 30.00 13.19
CA ILE A 6 -15.74 30.52 13.19
C ILE A 6 -15.66 31.79 12.36
N ASP A 7 -14.46 32.36 12.26
CA ASP A 7 -14.25 33.59 11.51
C ASP A 7 -13.19 33.40 10.43
N PRO A 8 -13.62 33.02 9.22
CA PRO A 8 -12.74 32.79 8.07
C PRO A 8 -11.56 33.74 7.87
N PRO A 9 -11.80 35.04 7.73
CA PRO A 9 -10.69 35.99 7.54
C PRO A 9 -9.68 35.91 8.68
N ALA A 10 -10.17 35.54 9.86
CA ALA A 10 -9.34 35.40 11.04
C ALA A 10 -8.48 34.15 10.93
N LEU A 11 -9.07 33.05 10.47
CA LEU A 11 -8.35 31.79 10.32
C LEU A 11 -7.34 31.90 9.17
N ARG A 12 -7.73 32.59 8.10
CA ARG A 12 -6.85 32.75 6.95
C ARG A 12 -5.61 33.57 7.32
N ALA A 13 -5.81 34.59 8.18
CA ALA A 13 -4.71 35.45 8.60
C ALA A 13 -3.75 34.68 9.50
N ALA A 14 -4.27 33.73 10.28
CA ALA A 14 -3.42 32.93 11.15
C ALA A 14 -2.50 32.11 10.25
N PHE A 15 -3.08 31.51 9.22
CA PHE A 15 -2.32 30.70 8.29
C PHE A 15 -1.29 31.54 7.56
N ALA A 16 -1.73 32.67 7.01
CA ALA A 16 -0.80 33.54 6.33
C ALA A 16 -0.04 34.14 7.50
N GLY A 17 0.94 34.99 7.24
CA GLY A 17 1.64 35.55 8.38
C GLY A 17 2.96 34.84 8.53
N PRO A 18 2.96 33.55 8.93
CA PRO A 18 4.25 32.86 9.06
C PRO A 18 4.82 32.63 7.67
N LEU A 19 4.05 32.96 6.66
CA LEU A 19 4.45 32.80 5.26
C LEU A 19 5.43 33.85 4.75
N ASP A 20 6.29 33.44 3.82
CA ASP A 20 7.26 34.34 3.22
C ASP A 20 6.58 35.16 2.13
N PRO A 21 6.80 36.48 2.11
CA PRO A 21 6.19 37.36 1.10
C PRO A 21 6.41 36.92 -0.34
N GLN A 22 7.49 36.21 -0.60
CA GLN A 22 7.78 35.77 -1.96
C GLN A 22 6.92 34.59 -2.40
N HIS A 23 6.45 33.79 -1.46
CA HIS A 23 5.62 32.62 -1.79
C HIS A 23 4.20 32.71 -1.26
N ALA A 24 3.92 33.77 -0.51
CA ALA A 24 2.62 33.98 0.10
C ALA A 24 1.44 33.93 -0.87
N GLU A 25 1.66 34.41 -2.10
CA GLU A 25 0.59 34.44 -3.07
C GLU A 25 0.12 33.08 -3.58
N VAL A 26 1.05 32.23 -3.96
CA VAL A 26 0.69 30.90 -4.44
C VAL A 26 -0.02 30.08 -3.37
N LEU A 27 0.53 30.10 -2.15
CA LEU A 27 -0.05 29.35 -1.05
C LEU A 27 -1.43 29.85 -0.65
N LEU A 28 -1.58 31.16 -0.51
CA LEU A 28 -2.86 31.74 -0.13
C LEU A 28 -3.87 31.44 -1.21
N SER A 29 -3.41 31.31 -2.44
CA SER A 29 -4.32 31.00 -3.52
C SER A 29 -4.85 29.57 -3.36
N ARG A 30 -3.96 28.63 -3.03
CA ARG A 30 -4.40 27.25 -2.85
C ARG A 30 -5.28 27.18 -1.59
N TYR A 31 -4.91 27.92 -0.55
CA TYR A 31 -5.68 27.93 0.69
C TYR A 31 -7.11 28.41 0.42
N ASP A 32 -7.27 29.35 -0.50
CA ASP A 32 -8.60 29.87 -0.78
C ASP A 32 -9.51 28.88 -1.49
N GLN A 33 -8.93 27.94 -2.22
CA GLN A 33 -9.77 26.98 -2.90
C GLN A 33 -10.00 25.65 -2.21
N HIS A 34 -9.25 25.35 -1.15
CA HIS A 34 -9.42 24.06 -0.46
C HIS A 34 -9.81 24.23 1.01
N ALA A 35 -9.48 25.40 1.57
CA ALA A 35 -9.76 25.66 2.97
C ALA A 35 -11.15 25.26 3.45
N SER A 36 -12.18 25.64 2.70
CA SER A 36 -13.55 25.31 3.10
C SER A 36 -13.74 23.83 3.33
N ARG A 37 -13.21 23.00 2.44
CA ARG A 37 -13.34 21.57 2.60
C ARG A 37 -12.69 21.18 3.92
N LEU A 38 -11.45 21.65 4.11
CA LEU A 38 -10.71 21.37 5.33
C LEU A 38 -11.52 21.72 6.59
N LEU A 39 -12.05 22.94 6.60
CA LEU A 39 -12.84 23.45 7.71
C LEU A 39 -14.13 22.69 7.94
N ASP A 40 -14.81 22.31 6.87
CA ASP A 40 -16.04 21.54 7.00
C ASP A 40 -15.74 20.16 7.58
N ALA A 41 -14.66 19.55 7.12
CA ALA A 41 -14.27 18.25 7.64
C ALA A 41 -13.96 18.38 9.13
N LEU A 42 -13.14 19.37 9.47
CA LEU A 42 -12.74 19.57 10.86
C LEU A 42 -13.92 19.88 11.77
N HIS A 43 -14.86 20.67 11.26
CA HIS A 43 -16.01 21.03 12.06
C HIS A 43 -16.88 19.81 12.37
N ALA A 44 -17.10 18.97 11.38
CA ALA A 44 -17.89 17.77 11.55
C ALA A 44 -17.24 16.88 12.61
N LEU A 45 -15.91 16.90 12.64
CA LEU A 45 -15.18 16.10 13.60
C LEU A 45 -15.05 16.68 15.01
N TYR A 46 -14.71 17.97 15.10
CA TYR A 46 -14.48 18.59 16.41
C TYR A 46 -15.22 19.90 16.66
N GLY A 47 -16.09 20.29 15.74
CA GLY A 47 -16.82 21.54 15.87
C GLY A 47 -17.60 21.78 17.15
N GLN A 48 -18.10 20.72 17.79
CA GLN A 48 -18.87 20.85 19.01
C GLN A 48 -18.06 21.10 20.27
N ARG A 49 -16.73 20.99 20.17
CA ARG A 49 -15.84 21.21 21.30
C ARG A 49 -15.70 22.69 21.65
N ALA A 50 -15.72 22.99 22.95
CA ALA A 50 -15.60 24.36 23.45
C ALA A 50 -14.33 25.07 23.01
N ASP A 51 -13.25 24.32 22.86
CA ASP A 51 -11.98 24.90 22.46
C ASP A 51 -11.70 24.74 20.96
N TYR A 52 -12.74 24.54 20.16
CA TYR A 52 -12.52 24.35 18.72
C TYR A 52 -11.82 25.52 18.06
N ALA A 53 -12.52 26.66 17.97
CA ALA A 53 -12.00 27.86 17.33
C ALA A 53 -10.61 28.23 17.81
N SER A 54 -10.35 28.02 19.10
CA SER A 54 -9.05 28.34 19.69
C SER A 54 -7.95 27.42 19.13
N TRP A 55 -8.22 26.12 19.10
CA TRP A 55 -7.26 25.16 18.60
C TRP A 55 -6.99 25.39 17.12
N LEU A 56 -8.05 25.52 16.35
CA LEU A 56 -7.95 25.74 14.91
C LEU A 56 -6.96 26.86 14.57
N ALA A 57 -7.24 28.06 15.07
CA ALA A 57 -6.38 29.23 14.80
C ALA A 57 -4.92 28.97 15.14
N GLN A 58 -4.68 28.44 16.34
CA GLN A 58 -3.31 28.14 16.75
C GLN A 58 -2.70 27.15 15.77
N TRP A 59 -3.39 26.03 15.57
CA TRP A 59 -2.90 25.00 14.67
C TRP A 59 -2.62 25.56 13.28
N LEU A 60 -3.61 26.26 12.72
CA LEU A 60 -3.46 26.85 11.40
C LEU A 60 -2.21 27.72 11.29
N GLY A 61 -1.83 28.35 12.41
CA GLY A 61 -0.64 29.20 12.44
C GLY A 61 0.61 28.34 12.33
N GLU A 62 0.57 27.17 12.94
CA GLU A 62 1.68 26.23 12.86
C GLU A 62 1.71 25.63 11.46
N VAL A 63 0.56 25.41 10.85
CA VAL A 63 0.57 24.86 9.50
C VAL A 63 1.27 25.83 8.53
N GLY A 64 0.99 27.12 8.69
CA GLY A 64 1.61 28.13 7.85
C GLY A 64 3.11 28.22 8.07
N ASP A 65 3.57 28.04 9.32
CA ASP A 65 5.00 28.11 9.53
C ASP A 65 5.68 26.92 8.86
N ILE A 66 5.03 25.76 8.85
CA ILE A 66 5.60 24.57 8.23
C ILE A 66 5.59 24.78 6.72
N ALA A 67 4.52 25.40 6.23
CA ALA A 67 4.40 25.66 4.81
C ALA A 67 5.56 26.55 4.36
N ARG A 68 5.98 27.47 5.21
CA ARG A 68 7.08 28.38 4.88
C ARG A 68 8.45 27.71 4.82
N GLN A 69 8.63 26.69 5.66
CA GLN A 69 9.88 25.96 5.75
C GLN A 69 10.09 24.97 4.62
N ARG A 70 9.05 24.74 3.83
CA ARG A 70 9.16 23.78 2.73
C ARG A 70 10.26 24.24 1.79
N PRO A 71 11.31 23.42 1.63
CA PRO A 71 12.43 23.75 0.75
C PRO A 71 11.96 24.22 -0.63
N GLN A 72 12.68 25.19 -1.18
CA GLN A 72 12.33 25.74 -2.49
C GLN A 72 12.17 24.70 -3.60
N ALA A 73 13.04 23.71 -3.65
CA ALA A 73 12.95 22.70 -4.69
C ALA A 73 11.61 21.99 -4.65
N LEU A 74 11.13 21.72 -3.43
CA LEU A 74 9.87 21.02 -3.28
C LEU A 74 8.69 21.93 -3.57
N GLN A 75 8.82 23.22 -3.26
CA GLN A 75 7.75 24.16 -3.53
C GLN A 75 7.59 24.27 -5.06
N THR A 76 8.73 24.28 -5.75
CA THR A 76 8.76 24.35 -7.21
C THR A 76 8.08 23.11 -7.78
N LEU A 77 8.38 21.95 -7.17
CA LEU A 77 7.78 20.70 -7.58
C LEU A 77 6.27 20.84 -7.37
N ASP A 78 5.88 21.45 -6.25
CA ASP A 78 4.46 21.66 -5.91
C ASP A 78 3.73 22.40 -7.03
N SER A 79 4.40 23.36 -7.64
CA SER A 79 3.82 24.17 -8.71
C SER A 79 3.94 23.58 -10.12
N THR A 80 4.96 22.79 -10.38
CA THR A 80 5.14 22.24 -11.71
C THR A 80 4.49 20.87 -11.96
N ARG A 81 4.46 20.01 -10.94
CA ARG A 81 3.89 18.67 -11.06
C ARG A 81 2.46 18.70 -11.57
N HIS A 82 2.11 17.71 -12.38
CA HIS A 82 0.77 17.59 -12.96
C HIS A 82 -0.09 16.67 -12.12
N ALA A 83 -1.34 17.04 -11.90
CA ALA A 83 -2.24 16.21 -11.13
C ALA A 83 -2.29 14.85 -11.83
N GLY A 84 -2.50 13.79 -11.06
CA GLY A 84 -2.55 12.45 -11.65
C GLY A 84 -1.20 11.97 -12.14
N TRP A 85 -0.14 12.68 -11.77
CA TRP A 85 1.22 12.33 -12.18
C TRP A 85 1.60 10.88 -11.88
N PHE A 86 1.16 10.39 -10.73
CA PHE A 86 1.45 9.04 -10.26
C PHE A 86 0.78 7.95 -11.06
N GLY A 87 -0.08 8.35 -12.00
CA GLY A 87 -0.77 7.36 -12.81
C GLY A 87 -0.25 7.21 -14.22
N GLN A 88 0.86 7.86 -14.56
CA GLN A 88 1.41 7.75 -15.92
C GLN A 88 2.00 6.34 -16.13
N PRO A 89 2.03 5.88 -17.39
CA PRO A 89 2.57 4.55 -17.70
C PRO A 89 4.04 4.26 -17.36
N HIS A 90 4.84 5.28 -17.09
CA HIS A 90 6.23 5.00 -16.76
C HIS A 90 6.41 4.69 -15.28
N MET A 91 5.36 4.95 -14.49
CA MET A 91 5.39 4.69 -13.07
C MET A 91 5.49 3.19 -12.78
N LEU A 92 6.55 2.82 -12.07
CA LEU A 92 6.84 1.43 -11.68
C LEU A 92 7.24 1.51 -10.20
N GLY A 93 6.62 0.70 -9.35
CA GLY A 93 6.92 0.77 -7.92
C GLY A 93 7.82 -0.34 -7.41
N TYR A 94 8.51 -0.05 -6.32
CA TYR A 94 9.42 -1.00 -5.72
C TYR A 94 9.33 -0.78 -4.21
N SER A 95 9.04 -1.84 -3.46
CA SER A 95 8.94 -1.76 -2.01
C SER A 95 9.98 -2.64 -1.33
N ALA A 96 10.64 -2.09 -0.32
CA ALA A 96 11.63 -2.85 0.41
C ALA A 96 12.01 -2.19 1.71
N TYR A 97 12.61 -2.98 2.60
CA TYR A 97 13.12 -2.47 3.89
C TYR A 97 14.49 -1.89 3.57
N ALA A 98 14.75 -0.67 4.02
CA ALA A 98 16.03 -0.04 3.77
C ALA A 98 17.20 -0.89 4.30
N ASP A 99 17.02 -1.51 5.46
CA ASP A 99 18.07 -2.34 6.03
C ASP A 99 18.29 -3.62 5.24
N ARG A 100 17.21 -4.36 4.95
CA ARG A 100 17.32 -5.58 4.19
C ARG A 100 17.87 -5.29 2.79
N PHE A 101 17.51 -4.13 2.24
CA PHE A 101 17.93 -3.77 0.88
C PHE A 101 19.35 -3.28 0.72
N ALA A 102 19.79 -2.41 1.62
CA ALA A 102 21.13 -1.87 1.51
C ALA A 102 21.72 -1.38 2.84
N GLY A 103 21.24 -1.94 3.94
CA GLY A 103 21.77 -1.56 5.25
C GLY A 103 21.34 -0.24 5.86
N THR A 104 21.66 0.86 5.18
CA THR A 104 21.33 2.19 5.69
C THR A 104 20.77 3.05 4.58
N LEU A 105 20.29 4.25 4.95
CA LEU A 105 19.74 5.16 3.96
C LEU A 105 20.79 5.59 2.95
N GLN A 106 22.03 5.76 3.41
CA GLN A 106 23.10 6.13 2.48
C GLN A 106 23.37 4.93 1.59
N GLY A 107 23.24 3.73 2.14
CA GLY A 107 23.48 2.53 1.35
C GLY A 107 22.42 2.43 0.27
N VAL A 108 21.19 2.74 0.65
CA VAL A 108 20.08 2.71 -0.30
C VAL A 108 20.39 3.71 -1.42
N ALA A 109 20.88 4.88 -1.05
CA ALA A 109 21.20 5.88 -2.06
C ALA A 109 22.21 5.31 -3.04
N GLU A 110 23.21 4.60 -2.54
CA GLU A 110 24.24 4.01 -3.40
C GLU A 110 23.70 2.94 -4.33
N ARG A 111 22.48 2.48 -4.08
CA ARG A 111 21.87 1.44 -4.92
C ARG A 111 20.86 1.96 -5.94
N VAL A 112 20.69 3.27 -5.98
CA VAL A 112 19.76 3.91 -6.91
C VAL A 112 19.98 3.45 -8.35
N PRO A 113 21.25 3.21 -8.72
CA PRO A 113 21.46 2.76 -10.11
C PRO A 113 20.69 1.48 -10.40
N TYR A 114 20.57 0.61 -9.40
CA TYR A 114 19.85 -0.65 -9.58
C TYR A 114 18.37 -0.40 -9.83
N LEU A 115 17.78 0.50 -9.04
CA LEU A 115 16.37 0.83 -9.18
C LEU A 115 16.11 1.47 -10.55
N GLN A 116 17.02 2.34 -10.98
CA GLN A 116 16.90 3.03 -12.27
C GLN A 116 16.95 2.06 -13.43
N GLU A 117 17.80 1.04 -13.29
CA GLU A 117 17.93 0.05 -14.33
C GLU A 117 16.61 -0.73 -14.44
N LEU A 118 15.98 -0.97 -13.28
CA LEU A 118 14.71 -1.71 -13.26
C LEU A 118 13.61 -0.89 -13.91
N GLY A 119 13.70 0.43 -13.76
CA GLY A 119 12.70 1.32 -14.31
C GLY A 119 11.85 1.95 -13.22
N VAL A 120 12.30 1.85 -11.97
CA VAL A 120 11.59 2.39 -10.82
C VAL A 120 11.44 3.91 -10.80
N ARG A 121 10.22 4.36 -10.51
CA ARG A 121 9.90 5.78 -10.43
C ARG A 121 9.20 6.04 -9.11
N TYR A 122 8.96 4.95 -8.38
CA TYR A 122 8.27 5.03 -7.10
C TYR A 122 8.92 4.02 -6.17
N LEU A 123 9.52 4.52 -5.09
CA LEU A 123 10.19 3.67 -4.12
C LEU A 123 9.59 3.79 -2.72
N HIS A 124 9.02 2.70 -2.24
CA HIS A 124 8.43 2.63 -0.91
C HIS A 124 9.43 2.01 0.06
N LEU A 125 9.95 2.79 1.01
CA LEU A 125 10.85 2.25 2.02
C LEU A 125 9.98 1.96 3.25
N LEU A 126 10.05 0.73 3.74
CA LEU A 126 9.26 0.33 4.90
C LEU A 126 9.66 1.17 6.13
N PRO A 127 8.83 1.17 7.19
CA PRO A 127 9.16 1.98 8.39
C PRO A 127 10.64 2.22 8.69
N PHE A 128 11.06 3.48 8.60
CA PHE A 128 12.45 3.81 8.84
C PHE A 128 12.63 4.93 9.86
N LEU A 129 11.53 5.34 10.50
CA LEU A 129 11.56 6.39 11.52
C LEU A 129 11.79 5.71 12.89
N ARG A 130 12.17 6.48 13.89
CA ARG A 130 12.43 5.92 15.21
C ARG A 130 11.37 4.91 15.62
N ALA A 131 11.85 3.69 15.88
CA ALA A 131 11.02 2.57 16.28
C ALA A 131 11.27 2.21 17.74
N ARG A 132 10.29 1.59 18.38
CA ARG A 132 10.40 1.21 19.79
C ARG A 132 11.61 0.33 20.06
N ALA A 133 12.25 0.52 21.21
CA ALA A 133 13.39 -0.28 21.58
C ALA A 133 12.85 -1.68 21.82
N GLY A 134 13.55 -2.69 21.32
CA GLY A 134 13.09 -4.07 21.49
C GLY A 134 12.38 -4.52 20.23
N ASP A 135 11.27 -5.24 20.39
CA ASP A 135 10.49 -5.66 19.24
C ASP A 135 9.69 -4.42 18.86
N ASN A 136 9.66 -4.10 17.58
CA ASN A 136 8.92 -2.92 17.12
C ASN A 136 8.06 -3.22 15.90
N ASP A 137 7.71 -4.49 15.72
CA ASP A 137 6.88 -4.95 14.62
C ASP A 137 7.45 -4.47 13.28
N GLY A 138 8.68 -4.88 13.01
CA GLY A 138 9.34 -4.49 11.78
C GLY A 138 9.24 -3.01 11.52
N GLY A 139 9.39 -2.22 12.59
CA GLY A 139 9.33 -0.77 12.47
C GLY A 139 7.96 -0.12 12.58
N PHE A 140 6.90 -0.93 12.60
CA PHE A 140 5.57 -0.35 12.67
C PHE A 140 5.11 0.23 14.01
N ALA A 141 5.95 0.14 15.03
CA ALA A 141 5.62 0.76 16.32
C ALA A 141 6.54 1.98 16.35
N VAL A 142 6.03 3.09 15.84
CA VAL A 142 6.82 4.33 15.74
C VAL A 142 6.91 5.12 17.02
N SER A 143 8.15 5.42 17.42
CA SER A 143 8.40 6.19 18.65
C SER A 143 8.69 7.67 18.38
N ASP A 144 8.86 8.06 17.12
CA ASP A 144 9.10 9.47 16.75
C ASP A 144 8.87 9.63 15.25
N TYR A 145 7.82 10.36 14.88
CA TYR A 145 7.50 10.57 13.47
C TYR A 145 8.43 11.60 12.81
N GLY A 146 9.24 12.27 13.60
CA GLY A 146 10.12 13.29 13.05
C GLY A 146 11.59 12.94 12.98
N GLN A 147 11.93 11.70 13.31
CA GLN A 147 13.33 11.29 13.28
C GLN A 147 13.59 9.91 12.70
N VAL A 148 14.56 9.85 11.79
CA VAL A 148 14.95 8.60 11.18
C VAL A 148 15.51 7.71 12.28
N GLU A 149 15.35 6.40 12.12
CA GLU A 149 15.87 5.43 13.08
C GLU A 149 17.39 5.50 13.02
N PRO A 150 18.06 5.78 14.15
CA PRO A 150 19.53 5.88 14.17
C PRO A 150 20.29 4.80 13.40
N SER A 151 19.91 3.54 13.60
CA SER A 151 20.57 2.43 12.91
C SER A 151 20.44 2.55 11.39
N LEU A 152 19.47 3.33 10.93
CA LEU A 152 19.28 3.51 9.49
C LEU A 152 19.92 4.79 8.97
N GLY A 153 20.16 5.74 9.88
CA GLY A 153 20.78 7.01 9.51
C GLY A 153 20.20 8.21 10.23
N SER A 154 20.40 9.39 9.65
CA SER A 154 19.91 10.65 10.20
C SER A 154 18.92 11.30 9.25
N ASN A 155 18.31 12.40 9.68
CA ASN A 155 17.36 13.11 8.84
C ASN A 155 18.11 13.71 7.67
N ASP A 156 19.41 13.91 7.83
CA ASP A 156 20.24 14.47 6.78
C ASP A 156 20.35 13.45 5.65
N ASP A 157 20.55 12.18 6.01
CA ASP A 157 20.66 11.13 5.00
C ASP A 157 19.34 11.04 4.24
N LEU A 158 18.22 11.13 4.96
CA LEU A 158 16.91 11.08 4.33
C LEU A 158 16.78 12.16 3.25
N VAL A 159 17.18 13.39 3.60
CA VAL A 159 17.11 14.50 2.68
C VAL A 159 18.04 14.28 1.48
N ALA A 160 19.24 13.76 1.76
CA ALA A 160 20.20 13.48 0.70
C ALA A 160 19.66 12.38 -0.20
N LEU A 161 18.96 11.42 0.41
CA LEU A 161 18.37 10.29 -0.32
C LEU A 161 17.26 10.79 -1.25
N THR A 162 16.34 11.61 -0.74
CA THR A 162 15.23 12.11 -1.56
C THR A 162 15.72 13.00 -2.69
N SER A 163 16.80 13.73 -2.45
CA SER A 163 17.36 14.59 -3.49
C SER A 163 17.94 13.68 -4.57
N ARG A 164 18.64 12.63 -4.14
CA ARG A 164 19.20 11.69 -5.11
C ARG A 164 18.08 10.99 -5.90
N LEU A 165 17.07 10.48 -5.20
CA LEU A 165 15.96 9.78 -5.86
C LEU A 165 15.22 10.70 -6.82
N ARG A 166 14.98 11.92 -6.37
CA ARG A 166 14.25 12.92 -7.15
C ARG A 166 14.94 13.22 -8.48
N GLU A 167 16.27 13.28 -8.48
CA GLU A 167 16.95 13.54 -9.73
C GLU A 167 16.90 12.32 -10.65
N ALA A 168 16.58 11.16 -10.07
CA ALA A 168 16.47 9.93 -10.84
C ALA A 168 14.99 9.67 -11.14
N GLY A 169 14.19 10.71 -11.01
CA GLY A 169 12.77 10.58 -11.27
C GLY A 169 12.04 9.62 -10.34
N ILE A 170 12.65 9.29 -9.21
CA ILE A 170 12.04 8.38 -8.25
C ILE A 170 11.41 9.08 -7.05
N SER A 171 10.14 8.79 -6.82
CA SER A 171 9.39 9.37 -5.72
C SER A 171 9.43 8.45 -4.51
N LEU A 172 9.88 8.96 -3.37
CA LEU A 172 9.95 8.17 -2.15
C LEU A 172 8.56 8.04 -1.49
N CYS A 173 8.11 6.82 -1.28
CA CYS A 173 6.85 6.59 -0.59
C CYS A 173 7.24 6.21 0.83
N ALA A 174 6.65 6.87 1.82
CA ALA A 174 6.98 6.54 3.19
C ALA A 174 5.71 6.19 3.96
N ASP A 175 5.87 5.32 4.94
CA ASP A 175 4.78 4.89 5.80
C ASP A 175 4.46 5.98 6.81
N PHE A 176 3.18 6.24 6.98
CA PHE A 176 2.75 7.19 7.99
C PHE A 176 1.84 6.33 8.86
N VAL A 177 2.44 5.68 9.84
CA VAL A 177 1.71 4.78 10.73
C VAL A 177 0.90 5.69 11.65
N LEU A 178 -0.18 6.25 11.11
CA LEU A 178 -1.03 7.20 11.82
C LEU A 178 -2.14 6.68 12.69
N ASN A 179 -2.29 5.36 12.77
CA ASN A 179 -3.34 4.80 13.61
C ASN A 179 -2.83 4.58 15.04
N HIS A 180 -1.55 4.22 15.16
CA HIS A 180 -0.95 3.95 16.49
C HIS A 180 0.51 4.39 16.63
N THR A 181 0.95 4.61 17.87
CA THR A 181 2.35 4.97 18.13
C THR A 181 3.00 3.86 18.95
N ALA A 182 4.32 3.89 19.07
CA ALA A 182 5.01 2.92 19.90
C ALA A 182 4.65 3.36 21.32
N ASP A 183 4.67 2.44 22.28
CA ASP A 183 4.33 2.84 23.65
C ASP A 183 5.49 3.57 24.32
N ASP A 184 6.56 3.85 23.57
CA ASP A 184 7.69 4.57 24.11
C ASP A 184 7.87 5.91 23.36
N HIS A 185 6.86 6.27 22.56
CA HIS A 185 6.85 7.53 21.81
C HIS A 185 6.85 8.66 22.87
N ALA A 186 7.34 9.84 22.51
CA ALA A 186 7.34 10.92 23.49
C ALA A 186 5.98 11.09 24.17
N TRP A 187 4.88 10.88 23.42
CA TRP A 187 3.54 11.03 24.00
C TRP A 187 3.17 9.94 25.02
N ALA A 188 3.49 8.70 24.71
CA ALA A 188 3.19 7.60 25.63
C ALA A 188 4.01 7.77 26.89
N GLN A 189 5.25 8.23 26.74
CA GLN A 189 6.12 8.45 27.89
C GLN A 189 5.57 9.60 28.73
N ALA A 190 5.07 10.63 28.08
CA ALA A 190 4.50 11.76 28.82
C ALA A 190 3.26 11.24 29.55
N ALA A 191 2.47 10.42 28.84
CA ALA A 191 1.26 9.85 29.40
C ALA A 191 1.59 8.92 30.57
N ARG A 192 2.57 8.06 30.36
CA ARG A 192 3.01 7.12 31.39
C ARG A 192 3.50 7.85 32.64
N ALA A 193 3.98 9.07 32.44
CA ALA A 193 4.50 9.88 33.53
C ALA A 193 3.39 10.60 34.27
N GLY A 194 2.16 10.45 33.78
CA GLY A 194 1.04 11.08 34.45
C GLY A 194 0.48 12.33 33.81
N ASP A 195 0.99 12.72 32.64
CA ASP A 195 0.50 13.90 31.94
C ASP A 195 -0.85 13.61 31.30
N ALA A 196 -1.93 14.09 31.91
CA ALA A 196 -3.28 13.85 31.38
C ALA A 196 -3.44 14.33 29.92
N ARG A 197 -2.78 15.43 29.59
CA ARG A 197 -2.84 16.00 28.26
C ARG A 197 -2.46 15.01 27.16
N TYR A 198 -1.40 14.25 27.40
CA TYR A 198 -0.94 13.27 26.44
C TYR A 198 -1.55 11.91 26.65
N LEU A 199 -2.09 11.69 27.84
CA LEU A 199 -2.74 10.42 28.14
C LEU A 199 -3.97 10.43 27.24
N ASP A 200 -4.49 11.63 27.02
CA ASP A 200 -5.66 11.80 26.17
C ASP A 200 -5.37 11.74 24.67
N TYR A 201 -4.15 11.38 24.30
CA TYR A 201 -3.82 11.26 22.89
C TYR A 201 -4.11 9.82 22.47
N TYR A 202 -4.50 9.00 23.43
CA TYR A 202 -4.79 7.59 23.18
C TYR A 202 -6.16 7.20 23.73
N HIS A 203 -6.53 5.95 23.52
CA HIS A 203 -7.80 5.48 24.06
C HIS A 203 -7.43 4.77 25.36
N HIS A 204 -7.85 5.33 26.49
CA HIS A 204 -7.53 4.73 27.79
C HIS A 204 -8.78 4.56 28.67
N PHE A 205 -8.82 3.45 29.40
CA PHE A 205 -9.96 3.16 30.24
C PHE A 205 -9.57 2.68 31.63
N ALA A 206 -10.16 3.28 32.65
CA ALA A 206 -9.87 2.93 34.04
C ALA A 206 -10.35 1.51 34.33
N ASP A 207 -11.41 1.10 33.65
CA ASP A 207 -11.98 -0.23 33.85
C ASP A 207 -11.92 -1.12 32.62
N ARG A 208 -12.57 -2.28 32.72
CA ARG A 208 -12.63 -3.23 31.63
C ARG A 208 -13.99 -3.03 30.98
N THR A 209 -14.76 -2.12 31.58
CA THR A 209 -16.11 -1.78 31.14
C THR A 209 -16.23 -1.57 29.64
N VAL A 210 -15.70 -0.45 29.20
CA VAL A 210 -15.74 -0.06 27.80
C VAL A 210 -15.06 -1.10 26.91
N PRO A 211 -13.88 -1.57 27.30
CA PRO A 211 -13.17 -2.58 26.49
C PRO A 211 -14.03 -3.82 26.19
N ASP A 212 -14.75 -4.30 27.20
CA ASP A 212 -15.63 -5.46 27.03
C ASP A 212 -16.63 -5.20 25.92
N ARG A 213 -17.27 -4.03 25.98
CA ARG A 213 -18.26 -3.67 24.98
C ARG A 213 -17.62 -3.72 23.59
N TYR A 214 -16.71 -2.80 23.32
CA TYR A 214 -16.03 -2.76 22.02
C TYR A 214 -15.61 -4.13 21.52
N GLU A 215 -15.05 -4.94 22.41
CA GLU A 215 -14.59 -6.29 22.06
C GLU A 215 -15.73 -7.18 21.55
N ALA A 216 -16.96 -6.83 21.92
CA ALA A 216 -18.13 -7.62 21.50
C ALA A 216 -18.34 -7.59 19.99
N THR A 217 -17.96 -6.47 19.37
CA THR A 217 -18.13 -6.30 17.93
C THR A 217 -16.82 -6.08 17.20
N LEU A 218 -15.70 -6.23 17.91
CA LEU A 218 -14.40 -6.04 17.29
C LEU A 218 -13.80 -7.34 16.78
N GLY A 219 -13.09 -7.25 15.66
CA GLY A 219 -12.42 -8.41 15.12
C GLY A 219 -11.03 -8.44 15.75
N GLN A 220 -10.17 -9.33 15.27
CA GLN A 220 -8.82 -9.43 15.80
C GLN A 220 -7.80 -9.56 14.66
N VAL A 221 -6.67 -8.85 14.78
CA VAL A 221 -5.64 -8.90 13.76
C VAL A 221 -4.66 -10.04 14.04
N PHE A 222 -4.39 -10.31 15.32
CA PHE A 222 -3.48 -11.38 15.70
C PHE A 222 -4.14 -12.31 16.71
N PRO A 223 -5.22 -12.99 16.29
CA PRO A 223 -6.00 -13.93 17.11
C PRO A 223 -5.17 -14.95 17.89
N HIS A 224 -4.07 -15.38 17.28
CA HIS A 224 -3.18 -16.36 17.91
C HIS A 224 -2.04 -15.65 18.62
N THR A 225 -1.17 -15.03 17.83
CA THR A 225 0.00 -14.31 18.34
C THR A 225 -0.28 -13.23 19.37
N ALA A 226 -1.32 -12.44 19.15
CA ALA A 226 -1.62 -11.39 20.10
C ALA A 226 -3.10 -11.05 20.23
N PRO A 227 -3.84 -11.82 21.04
CA PRO A 227 -5.26 -11.50 21.20
C PRO A 227 -5.30 -10.07 21.74
N GLY A 228 -4.13 -9.43 21.62
CA GLY A 228 -3.90 -8.06 22.01
C GLY A 228 -4.57 -7.15 21.00
N ASN A 229 -5.68 -6.60 21.52
CA ASN A 229 -6.66 -5.67 20.95
C ASN A 229 -6.90 -4.60 22.05
N PHE A 230 -6.47 -4.92 23.27
CA PHE A 230 -6.57 -4.06 24.45
C PHE A 230 -5.48 -4.55 25.42
N THR A 231 -4.80 -3.63 26.08
CA THR A 231 -3.74 -4.01 27.00
C THR A 231 -3.74 -3.21 28.29
N TRP A 232 -3.47 -3.88 29.41
CA TRP A 232 -3.40 -3.17 30.68
C TRP A 232 -1.97 -2.69 30.79
N VAL A 233 -1.81 -1.41 31.12
CA VAL A 233 -0.48 -0.83 31.25
C VAL A 233 -0.31 -0.29 32.66
N ASP A 234 0.69 -0.80 33.36
CA ASP A 234 0.94 -0.36 34.74
C ASP A 234 1.16 1.13 34.86
N ASP A 235 2.10 1.66 34.08
CA ASP A 235 2.44 3.07 34.13
C ASP A 235 1.27 4.02 34.05
N THR A 236 0.31 3.74 33.17
CA THR A 236 -0.84 4.63 33.04
C THR A 236 -1.98 4.18 33.95
N ALA A 237 -1.88 2.96 34.46
CA ALA A 237 -2.92 2.42 35.32
C ALA A 237 -4.24 2.39 34.58
N GLN A 238 -4.20 1.99 33.31
CA GLN A 238 -5.40 1.92 32.50
C GLN A 238 -5.30 0.88 31.40
N TRP A 239 -6.43 0.62 30.74
CA TRP A 239 -6.46 -0.31 29.64
C TRP A 239 -6.25 0.53 28.37
N MET A 240 -5.22 0.18 27.60
CA MET A 240 -4.91 0.93 26.38
C MET A 240 -5.35 0.20 25.11
N TRP A 241 -6.10 0.88 24.26
CA TRP A 241 -6.55 0.29 23.02
C TRP A 241 -5.32 -0.09 22.22
N THR A 242 -5.22 -1.36 21.82
CA THR A 242 -4.09 -1.83 21.05
C THR A 242 -4.56 -2.85 20.03
N THR A 243 -4.93 -2.38 18.85
CA THR A 243 -5.40 -3.24 17.77
C THR A 243 -4.34 -4.28 17.34
N PHE A 244 -3.07 -3.89 17.39
CA PHE A 244 -2.02 -4.78 16.95
C PHE A 244 -1.20 -5.33 18.10
N TYR A 245 0.12 -5.23 18.06
CA TYR A 245 0.90 -5.72 19.18
C TYR A 245 0.55 -4.89 20.42
N PRO A 246 0.85 -5.42 21.62
CA PRO A 246 0.55 -4.73 22.89
C PRO A 246 1.30 -3.39 23.09
N TYR A 247 2.44 -3.24 22.41
CA TYR A 247 3.25 -2.04 22.53
C TYR A 247 2.95 -0.99 21.44
N GLN A 248 1.82 -1.15 20.77
CA GLN A 248 1.38 -0.22 19.74
C GLN A 248 0.04 0.30 20.21
N TRP A 249 0.00 1.55 20.70
CA TRP A 249 -1.22 2.15 21.19
C TRP A 249 -1.99 2.91 20.12
N ASP A 250 -3.29 2.65 20.03
CA ASP A 250 -4.14 3.33 19.07
C ASP A 250 -4.26 4.81 19.45
N LEU A 251 -4.00 5.70 18.50
CA LEU A 251 -4.10 7.15 18.72
C LEU A 251 -5.59 7.52 18.82
N ASN A 252 -5.92 8.55 19.59
CA ASN A 252 -7.30 8.97 19.74
C ASN A 252 -7.63 10.14 18.82
N TRP A 253 -7.90 9.83 17.57
CA TRP A 253 -8.22 10.83 16.58
C TRP A 253 -9.46 11.68 16.84
N SER A 254 -10.15 11.45 17.96
CA SER A 254 -11.32 12.26 18.28
C SER A 254 -10.84 13.50 19.01
N ASN A 255 -9.55 13.52 19.33
CA ASN A 255 -8.92 14.65 20.01
C ASN A 255 -8.31 15.54 18.91
N PRO A 256 -8.69 16.82 18.85
CA PRO A 256 -8.15 17.72 17.82
C PRO A 256 -6.63 17.84 17.95
N ALA A 257 -6.12 17.74 19.17
CA ALA A 257 -4.70 17.83 19.42
C ALA A 257 -3.98 16.75 18.58
N VAL A 258 -4.54 15.55 18.60
CA VAL A 258 -3.96 14.46 17.84
C VAL A 258 -3.97 14.79 16.36
N PHE A 259 -5.13 15.22 15.85
CA PHE A 259 -5.21 15.56 14.44
C PHE A 259 -4.18 16.63 14.06
N GLY A 260 -4.16 17.73 14.82
CA GLY A 260 -3.23 18.80 14.55
C GLY A 260 -1.77 18.40 14.53
N ASP A 261 -1.33 17.66 15.54
CA ASP A 261 0.06 17.21 15.65
C ASP A 261 0.43 16.22 14.57
N MET A 262 -0.52 15.38 14.16
CA MET A 262 -0.25 14.41 13.11
C MET A 262 -0.19 15.07 11.75
N ALA A 263 -1.08 16.02 11.50
CA ALA A 263 -1.06 16.71 10.22
C ALA A 263 0.31 17.39 10.09
N LEU A 264 0.79 17.98 11.18
CA LEU A 264 2.09 18.63 11.19
C LEU A 264 3.21 17.61 10.92
N ALA A 265 3.16 16.47 11.63
CA ALA A 265 4.17 15.42 11.44
C ALA A 265 4.25 15.03 9.98
N MET A 266 3.09 14.89 9.34
CA MET A 266 3.04 14.53 7.94
C MET A 266 3.70 15.60 7.06
N LEU A 267 3.35 16.86 7.31
CA LEU A 267 3.94 17.93 6.53
C LEU A 267 5.46 18.02 6.71
N ARG A 268 5.95 17.64 7.89
CA ARG A 268 7.39 17.67 8.11
C ARG A 268 8.08 16.58 7.28
N LEU A 269 7.43 15.43 7.15
CA LEU A 269 8.02 14.36 6.35
C LEU A 269 8.07 14.83 4.90
N ALA A 270 6.97 15.44 4.44
CA ALA A 270 6.90 15.95 3.08
C ALA A 270 8.06 16.93 2.88
N ASN A 271 8.27 17.79 3.88
CA ASN A 271 9.35 18.75 3.80
C ASN A 271 10.72 18.07 3.75
N LEU A 272 10.81 16.84 4.25
CA LEU A 272 12.09 16.13 4.19
C LEU A 272 12.21 15.43 2.82
N GLY A 273 11.20 15.62 1.98
CA GLY A 273 11.26 15.04 0.66
C GLY A 273 10.42 13.82 0.35
N VAL A 274 9.58 13.35 1.28
CA VAL A 274 8.77 12.19 0.92
C VAL A 274 7.61 12.70 0.07
N GLU A 275 7.32 11.96 -0.99
CA GLU A 275 6.29 12.32 -1.94
C GLU A 275 4.98 11.56 -1.86
N ALA A 276 5.01 10.38 -1.27
CA ALA A 276 3.82 9.55 -1.16
C ALA A 276 3.73 9.00 0.26
N PHE A 277 2.54 9.05 0.85
CA PHE A 277 2.35 8.53 2.19
C PHE A 277 1.45 7.30 2.23
N ARG A 278 2.03 6.17 2.63
CA ARG A 278 1.27 4.93 2.76
C ARG A 278 0.59 5.05 4.12
N LEU A 279 -0.73 5.26 4.11
CA LEU A 279 -1.49 5.41 5.34
C LEU A 279 -1.80 4.03 5.92
N ASP A 280 -0.82 3.50 6.64
CA ASP A 280 -0.91 2.18 7.26
C ASP A 280 -2.11 2.06 8.20
N SER A 281 -2.80 0.93 8.13
CA SER A 281 -3.96 0.67 8.98
C SER A 281 -4.96 1.80 9.03
N THR A 282 -5.09 2.52 7.93
CA THR A 282 -5.98 3.69 7.91
C THR A 282 -7.47 3.38 8.05
N ALA A 283 -7.84 2.11 8.01
CA ALA A 283 -9.25 1.76 8.16
C ALA A 283 -9.70 1.78 9.62
N TYR A 284 -8.72 1.70 10.54
CA TYR A 284 -9.01 1.66 11.97
C TYR A 284 -9.05 3.00 12.71
N LEU A 285 -8.71 4.08 12.02
CA LEU A 285 -8.66 5.43 12.59
C LEU A 285 -9.77 5.88 13.54
N TRP A 286 -11.02 5.56 13.22
CA TRP A 286 -12.11 6.03 14.08
C TRP A 286 -12.81 4.93 14.84
N LYS A 287 -12.88 5.11 16.15
CA LYS A 287 -13.51 4.17 17.06
C LYS A 287 -14.91 4.60 17.47
N ARG A 288 -15.87 3.70 17.29
CA ARG A 288 -17.27 3.96 17.63
C ARG A 288 -17.91 2.67 18.14
N ILE A 289 -18.45 2.71 19.35
CA ILE A 289 -19.08 1.52 19.95
C ILE A 289 -20.16 0.91 19.05
N GLY A 290 -20.26 -0.42 19.08
CA GLY A 290 -21.24 -1.11 18.29
C GLY A 290 -20.80 -1.38 16.86
N THR A 291 -19.67 -0.82 16.45
CA THR A 291 -19.16 -1.03 15.10
C THR A 291 -17.84 -1.78 15.15
N ASP A 292 -17.45 -2.37 14.02
CA ASP A 292 -16.19 -3.08 13.99
C ASP A 292 -15.04 -2.07 14.06
N CYS A 293 -15.42 -0.79 14.15
CA CYS A 293 -14.47 0.31 14.22
C CYS A 293 -13.57 0.35 13.00
N MET A 294 -14.15 0.09 11.85
CA MET A 294 -13.40 0.12 10.61
C MET A 294 -14.18 0.78 9.49
N ASN A 295 -13.46 1.44 8.59
CA ASN A 295 -14.05 2.13 7.47
C ASN A 295 -15.16 3.09 7.92
N GLN A 296 -15.13 3.50 9.19
CA GLN A 296 -16.14 4.42 9.72
C GLN A 296 -16.14 5.71 8.91
N SER A 297 -17.30 6.36 8.82
CA SER A 297 -17.44 7.59 8.06
C SER A 297 -16.41 8.65 8.45
N GLU A 298 -16.17 8.78 9.76
CA GLU A 298 -15.21 9.75 10.26
C GLU A 298 -13.78 9.47 9.81
N ALA A 299 -13.41 8.20 9.65
CA ALA A 299 -12.05 7.90 9.24
C ALA A 299 -11.85 8.58 7.90
N HIS A 300 -12.89 8.56 7.08
CA HIS A 300 -12.82 9.17 5.75
C HIS A 300 -12.72 10.69 5.81
N THR A 301 -13.45 11.30 6.75
CA THR A 301 -13.44 12.76 6.91
C THR A 301 -12.05 13.19 7.34
N LEU A 302 -11.45 12.37 8.19
CA LEU A 302 -10.11 12.63 8.68
C LEU A 302 -9.16 12.69 7.50
N LEU A 303 -9.32 11.73 6.58
CA LEU A 303 -8.45 11.64 5.40
C LEU A 303 -8.69 12.83 4.48
N VAL A 304 -9.95 13.23 4.32
CA VAL A 304 -10.28 14.38 3.50
C VAL A 304 -9.55 15.59 4.05
N ALA A 305 -9.53 15.73 5.37
CA ALA A 305 -8.85 16.85 6.00
C ALA A 305 -7.35 16.82 5.72
N LEU A 306 -6.73 15.66 5.93
CA LEU A 306 -5.29 15.54 5.68
C LEU A 306 -5.04 15.86 4.20
N ARG A 307 -5.92 15.39 3.33
CA ARG A 307 -5.78 15.64 1.90
C ARG A 307 -5.85 17.16 1.61
N ALA A 308 -6.79 17.85 2.26
CA ALA A 308 -6.91 19.30 2.06
C ALA A 308 -5.62 19.99 2.50
N VAL A 309 -5.12 19.61 3.66
CA VAL A 309 -3.89 20.17 4.19
C VAL A 309 -2.79 20.05 3.13
N THR A 310 -2.68 18.88 2.50
CA THR A 310 -1.64 18.69 1.48
C THR A 310 -1.89 19.45 0.16
N ASP A 311 -3.15 19.59 -0.22
CA ASP A 311 -3.48 20.32 -1.46
C ASP A 311 -3.04 21.77 -1.30
N ILE A 312 -3.11 22.25 -0.07
CA ILE A 312 -2.70 23.61 0.22
C ILE A 312 -1.19 23.77 0.40
N VAL A 313 -0.59 22.94 1.25
CA VAL A 313 0.85 23.07 1.56
C VAL A 313 1.88 22.37 0.69
N ALA A 314 1.56 21.15 0.26
CA ALA A 314 2.48 20.38 -0.56
C ALA A 314 1.69 19.50 -1.52
N PRO A 315 1.10 20.09 -2.58
CA PRO A 315 0.30 19.44 -3.62
C PRO A 315 1.02 18.37 -4.44
N ALA A 316 2.35 18.40 -4.43
CA ALA A 316 3.11 17.39 -5.20
C ALA A 316 3.02 16.03 -4.52
N VAL A 317 2.58 16.05 -3.27
CA VAL A 317 2.45 14.87 -2.40
C VAL A 317 1.21 14.02 -2.65
N VAL A 318 1.34 12.71 -2.42
CA VAL A 318 0.24 11.76 -2.61
C VAL A 318 -0.09 10.91 -1.35
N MET A 319 -1.36 10.58 -1.20
CA MET A 319 -1.83 9.77 -0.09
C MET A 319 -2.35 8.44 -0.61
N LYS A 320 -1.81 7.35 -0.06
CA LYS A 320 -2.19 6.01 -0.46
C LYS A 320 -2.85 5.28 0.69
N ALA A 321 -4.08 4.87 0.52
CA ALA A 321 -4.80 4.16 1.58
C ALA A 321 -4.42 2.67 1.57
N GLN A 322 -4.34 2.05 2.74
CA GLN A 322 -4.02 0.62 2.82
C GLN A 322 -5.31 -0.20 2.94
N ALA A 323 -5.87 -0.27 4.13
CA ALA A 323 -7.15 -0.97 4.32
C ALA A 323 -7.33 -2.33 3.63
N ILE A 324 -7.06 -3.41 4.35
CA ILE A 324 -7.24 -4.74 3.79
C ILE A 324 -8.70 -5.11 4.10
N VAL A 325 -9.59 -4.66 3.24
CA VAL A 325 -11.01 -4.86 3.44
C VAL A 325 -11.73 -5.37 2.19
N PRO A 326 -13.01 -5.74 2.35
CA PRO A 326 -13.74 -6.22 1.17
C PRO A 326 -13.92 -5.13 0.12
N MET A 327 -13.90 -5.56 -1.14
CA MET A 327 -14.05 -4.69 -2.30
C MET A 327 -14.93 -3.46 -2.10
N THR A 328 -16.19 -3.66 -1.71
CA THR A 328 -17.10 -2.53 -1.53
C THR A 328 -16.58 -1.43 -0.61
N GLN A 329 -15.63 -1.75 0.26
CA GLN A 329 -15.07 -0.77 1.19
C GLN A 329 -13.85 -0.01 0.68
N LEU A 330 -13.30 -0.42 -0.46
CA LEU A 330 -12.10 0.22 -1.00
C LEU A 330 -12.30 1.57 -1.67
N PRO A 331 -13.15 1.63 -2.70
CA PRO A 331 -13.44 2.86 -3.44
C PRO A 331 -13.78 4.10 -2.61
N PRO A 332 -14.42 3.93 -1.44
CA PRO A 332 -14.71 5.16 -0.69
C PRO A 332 -13.49 5.88 -0.11
N TYR A 333 -12.30 5.25 -0.17
CA TYR A 333 -11.07 5.88 0.30
C TYR A 333 -10.64 6.92 -0.76
N PHE A 334 -11.31 6.90 -1.91
CA PHE A 334 -11.01 7.85 -2.98
C PHE A 334 -11.90 9.06 -2.81
N GLY A 335 -12.77 8.98 -1.80
CA GLY A 335 -13.69 10.07 -1.50
C GLY A 335 -15.08 9.77 -2.01
N SER A 336 -16.09 10.29 -1.32
CA SER A 336 -17.48 10.07 -1.72
C SER A 336 -18.26 11.36 -1.83
N GLY A 337 -19.17 11.38 -2.81
CA GLY A 337 -20.01 12.54 -3.04
C GLY A 337 -19.26 13.84 -2.99
N VAL A 338 -19.71 14.73 -2.12
CA VAL A 338 -19.09 16.03 -1.98
C VAL A 338 -17.58 15.95 -1.96
N ASP A 339 -17.04 14.90 -1.35
CA ASP A 339 -15.60 14.72 -1.24
C ASP A 339 -14.96 13.71 -2.20
N GLU A 340 -15.69 13.29 -3.23
CA GLU A 340 -15.11 12.36 -4.18
C GLU A 340 -13.96 13.04 -4.88
N GLY A 341 -12.83 12.34 -5.00
CA GLY A 341 -11.67 12.92 -5.66
C GLY A 341 -10.86 13.81 -4.73
N HIS A 342 -11.29 13.93 -3.48
CA HIS A 342 -10.60 14.76 -2.50
C HIS A 342 -10.23 13.98 -1.24
N GLU A 343 -9.83 12.72 -1.41
CA GLU A 343 -9.42 11.90 -0.28
C GLU A 343 -8.09 11.26 -0.64
N CYS A 344 -8.02 9.94 -0.75
CA CYS A 344 -6.76 9.30 -1.12
C CYS A 344 -6.58 9.26 -2.63
N HIS A 345 -5.35 9.41 -3.11
CA HIS A 345 -5.08 9.38 -4.55
C HIS A 345 -4.88 7.92 -4.96
N LEU A 346 -4.48 7.10 -3.98
CA LEU A 346 -4.21 5.70 -4.23
C LEU A 346 -4.75 4.81 -3.13
N ALA A 347 -4.98 3.56 -3.49
CA ALA A 347 -5.47 2.55 -2.57
C ALA A 347 -4.90 1.19 -3.04
N TYR A 348 -4.38 0.41 -2.10
CA TYR A 348 -3.86 -0.91 -2.48
C TYR A 348 -5.04 -1.78 -2.95
N HIS A 349 -4.95 -2.37 -4.14
CA HIS A 349 -6.05 -3.22 -4.60
C HIS A 349 -5.78 -4.63 -4.05
N SER A 350 -6.04 -4.78 -2.75
CA SER A 350 -5.83 -6.03 -2.04
C SER A 350 -6.73 -7.15 -2.55
N THR A 351 -7.87 -6.78 -3.12
CA THR A 351 -8.78 -7.78 -3.67
C THR A 351 -8.20 -8.37 -4.95
N LEU A 352 -7.69 -7.51 -5.82
CA LEU A 352 -7.11 -7.97 -7.08
C LEU A 352 -5.94 -8.89 -6.79
N MET A 353 -5.09 -8.49 -5.86
CA MET A 353 -3.91 -9.26 -5.50
C MET A 353 -4.26 -10.63 -4.94
N ALA A 354 -5.16 -10.67 -3.97
CA ALA A 354 -5.57 -11.95 -3.38
C ALA A 354 -6.30 -12.78 -4.46
N ALA A 355 -7.09 -12.10 -5.30
CA ALA A 355 -7.82 -12.81 -6.33
C ALA A 355 -6.86 -13.42 -7.33
N GLY A 356 -5.69 -12.79 -7.52
CA GLY A 356 -4.72 -13.34 -8.44
C GLY A 356 -4.18 -14.68 -7.97
N TRP A 357 -3.76 -14.77 -6.72
CA TRP A 357 -3.24 -16.02 -6.18
C TRP A 357 -4.35 -17.07 -6.15
N SER A 358 -5.58 -16.61 -5.90
CA SER A 358 -6.70 -17.53 -5.85
C SER A 358 -6.87 -18.09 -7.24
N ALA A 359 -7.00 -17.19 -8.21
CA ALA A 359 -7.17 -17.60 -9.60
C ALA A 359 -6.09 -18.60 -10.03
N LEU A 360 -4.84 -18.35 -9.63
CA LEU A 360 -3.72 -19.24 -9.97
C LEU A 360 -3.86 -20.65 -9.38
N ALA A 361 -4.11 -20.75 -8.09
CA ALA A 361 -4.26 -22.05 -7.46
C ALA A 361 -5.43 -22.84 -8.04
N LEU A 362 -6.52 -22.14 -8.30
CA LEU A 362 -7.73 -22.78 -8.82
C LEU A 362 -7.75 -22.86 -10.34
N GLN A 363 -6.77 -22.24 -10.98
CA GLN A 363 -6.69 -22.21 -12.43
C GLN A 363 -8.04 -21.71 -12.96
N ARG A 364 -8.46 -20.54 -12.48
CA ARG A 364 -9.73 -19.94 -12.89
C ARG A 364 -9.62 -18.47 -13.23
N GLY A 365 -9.49 -18.16 -14.51
CA GLY A 365 -9.41 -16.76 -14.93
C GLY A 365 -10.71 -16.04 -14.62
N ASP A 366 -11.82 -16.77 -14.60
CA ASP A 366 -13.12 -16.15 -14.35
C ASP A 366 -13.23 -15.42 -13.00
N ILE A 367 -12.35 -15.76 -12.05
CA ILE A 367 -12.37 -15.09 -10.75
C ILE A 367 -11.82 -13.67 -10.87
N LEU A 368 -10.87 -13.48 -11.77
CA LEU A 368 -10.29 -12.17 -11.99
C LEU A 368 -11.30 -11.32 -12.74
N HIS A 369 -11.99 -11.92 -13.71
CA HIS A 369 -12.99 -11.18 -14.46
C HIS A 369 -13.97 -10.56 -13.47
N ASN A 370 -14.36 -11.33 -12.47
CA ASN A 370 -15.29 -10.85 -11.46
C ASN A 370 -14.76 -9.63 -10.72
N VAL A 371 -13.52 -9.70 -10.26
CA VAL A 371 -12.94 -8.58 -9.52
C VAL A 371 -12.92 -7.31 -10.35
N ILE A 372 -12.48 -7.42 -11.60
CA ILE A 372 -12.40 -6.27 -12.49
C ILE A 372 -13.79 -5.71 -12.80
N ALA A 373 -14.74 -6.60 -13.11
CA ALA A 373 -16.09 -6.17 -13.42
C ALA A 373 -16.69 -5.45 -12.21
N HIS A 374 -16.27 -5.86 -11.02
CA HIS A 374 -16.77 -5.26 -9.80
C HIS A 374 -15.91 -4.10 -9.33
N SER A 375 -14.91 -3.75 -10.14
CA SER A 375 -14.04 -2.64 -9.80
C SER A 375 -14.61 -1.40 -10.45
N PRO A 376 -15.22 -0.52 -9.64
CA PRO A 376 -15.79 0.71 -10.19
C PRO A 376 -14.73 1.57 -10.85
N PRO A 377 -15.12 2.42 -11.80
CA PRO A 377 -14.18 3.29 -12.49
C PRO A 377 -13.55 4.26 -11.49
N LEU A 378 -12.25 4.51 -11.63
CA LEU A 378 -11.56 5.40 -10.72
C LEU A 378 -11.96 6.85 -10.87
N PRO A 379 -12.09 7.57 -9.76
CA PRO A 379 -12.46 8.99 -9.81
C PRO A 379 -11.29 9.79 -10.41
N ARG A 380 -11.55 11.04 -10.73
CA ARG A 380 -10.55 11.95 -11.29
C ARG A 380 -9.27 11.94 -10.46
N HIS A 381 -8.13 11.75 -11.14
CA HIS A 381 -6.83 11.72 -10.51
C HIS A 381 -6.67 10.73 -9.36
N CYS A 382 -7.23 9.53 -9.54
CA CYS A 382 -7.13 8.47 -8.55
C CYS A 382 -6.65 7.25 -9.29
N ALA A 383 -6.10 6.28 -8.57
CA ALA A 383 -5.61 5.09 -9.21
C ALA A 383 -5.35 4.03 -8.16
N TRP A 384 -5.00 2.83 -8.61
CA TRP A 384 -4.74 1.75 -7.71
C TRP A 384 -3.27 1.52 -7.50
N LEU A 385 -2.96 0.95 -6.34
CA LEU A 385 -1.61 0.52 -6.05
C LEU A 385 -1.85 -0.97 -6.33
N SER A 386 -1.34 -1.47 -7.47
CA SER A 386 -1.53 -2.89 -7.81
C SER A 386 -0.28 -3.66 -7.45
N TYR A 387 -0.45 -4.84 -6.84
CA TYR A 387 0.71 -5.62 -6.41
C TYR A 387 0.53 -7.14 -6.35
N VAL A 388 1.65 -7.86 -6.30
CA VAL A 388 1.66 -9.32 -6.22
C VAL A 388 1.90 -9.80 -4.78
N ARG A 389 2.94 -9.25 -4.12
CA ARG A 389 3.22 -9.60 -2.73
C ARG A 389 3.74 -8.37 -1.97
N CYS A 390 3.91 -8.52 -0.67
CA CYS A 390 4.39 -7.43 0.15
C CYS A 390 4.98 -8.00 1.43
N HIS A 391 5.32 -7.12 2.38
CA HIS A 391 5.91 -7.52 3.64
C HIS A 391 4.92 -8.25 4.54
N ASP A 392 3.65 -8.20 4.19
CA ASP A 392 2.64 -8.88 5.00
C ASP A 392 2.18 -10.20 4.43
N ASP A 393 1.41 -10.90 5.28
CA ASP A 393 0.79 -12.17 5.00
C ASP A 393 -0.31 -11.83 4.01
N ILE A 394 -0.73 -12.81 3.21
CA ILE A 394 -1.81 -12.60 2.26
C ILE A 394 -3.14 -12.74 3.02
N GLY A 395 -3.95 -11.68 3.06
CA GLY A 395 -5.21 -11.78 3.78
C GLY A 395 -6.36 -12.24 2.89
N TRP A 396 -6.63 -13.54 2.90
CA TRP A 396 -7.69 -14.11 2.05
C TRP A 396 -9.13 -13.67 2.34
N ASN A 397 -9.46 -13.45 3.60
CA ASN A 397 -10.82 -13.09 3.97
C ASN A 397 -11.44 -11.88 3.29
N VAL A 398 -10.66 -11.10 2.54
CA VAL A 398 -11.25 -9.96 1.85
C VAL A 398 -12.04 -10.49 0.65
N LEU A 399 -11.77 -11.73 0.25
CA LEU A 399 -12.46 -12.32 -0.89
C LEU A 399 -13.67 -13.19 -0.53
N GLN A 400 -14.24 -12.97 0.65
CA GLN A 400 -15.39 -13.75 1.09
C GLN A 400 -16.59 -13.63 0.14
N HIS A 401 -17.02 -12.39 -0.10
CA HIS A 401 -18.14 -12.13 -0.98
C HIS A 401 -17.93 -12.80 -2.32
N GLU A 402 -16.80 -12.51 -2.96
CA GLU A 402 -16.51 -13.11 -4.26
C GLU A 402 -16.53 -14.62 -4.23
N ALA A 403 -16.06 -15.19 -3.12
CA ALA A 403 -16.01 -16.64 -2.99
C ALA A 403 -17.41 -17.26 -3.06
N CYS A 404 -18.43 -16.47 -2.69
CA CYS A 404 -19.82 -16.94 -2.72
C CYS A 404 -20.31 -17.15 -4.17
N GLY A 405 -19.63 -16.49 -5.11
CA GLY A 405 -19.97 -16.62 -6.50
C GLY A 405 -21.20 -15.83 -6.91
N ASN A 406 -21.36 -15.62 -8.21
CA ASN A 406 -22.51 -14.92 -8.73
C ASN A 406 -22.97 -15.55 -10.03
N ALA A 407 -23.80 -14.84 -10.79
CA ALA A 407 -24.34 -15.37 -12.05
C ALA A 407 -23.28 -15.75 -13.04
N ALA A 408 -22.17 -15.01 -13.04
CA ALA A 408 -21.10 -15.28 -13.99
C ALA A 408 -20.04 -16.23 -13.46
N GLN A 409 -19.74 -16.11 -12.17
CA GLN A 409 -18.68 -16.94 -11.58
C GLN A 409 -19.12 -17.89 -10.47
N PRO A 410 -18.96 -19.20 -10.67
CA PRO A 410 -19.35 -20.15 -9.63
C PRO A 410 -18.50 -19.94 -8.38
N PRO A 411 -18.98 -20.42 -7.22
CA PRO A 411 -18.25 -20.28 -5.95
C PRO A 411 -16.88 -20.95 -5.94
N PHE A 412 -15.99 -20.47 -5.08
CA PHE A 412 -14.66 -21.08 -4.92
C PHE A 412 -14.33 -21.13 -3.43
N SER A 413 -13.41 -22.02 -3.06
CA SER A 413 -13.06 -22.19 -1.66
C SER A 413 -11.81 -21.46 -1.20
N LEU A 414 -11.99 -20.45 -0.36
CA LEU A 414 -10.86 -19.71 0.18
C LEU A 414 -10.04 -20.70 1.01
N ARG A 415 -10.74 -21.59 1.71
CA ARG A 415 -10.09 -22.61 2.53
C ARG A 415 -9.19 -23.50 1.68
N ASP A 416 -9.67 -23.90 0.50
CA ASP A 416 -8.86 -24.73 -0.38
C ASP A 416 -7.63 -23.97 -0.88
N VAL A 417 -7.81 -22.68 -1.17
CA VAL A 417 -6.70 -21.85 -1.64
C VAL A 417 -5.66 -21.76 -0.53
N ALA A 418 -6.12 -21.40 0.67
CA ALA A 418 -5.23 -21.26 1.81
C ALA A 418 -4.40 -22.53 2.07
N ARG A 419 -5.06 -23.68 2.00
CA ARG A 419 -4.36 -24.94 2.23
C ARG A 419 -3.37 -25.20 1.09
N PHE A 420 -3.75 -24.84 -0.13
CA PHE A 420 -2.86 -25.04 -1.28
C PHE A 420 -1.56 -24.30 -1.08
N TYR A 421 -1.63 -23.04 -0.65
CA TYR A 421 -0.42 -22.27 -0.46
C TYR A 421 0.32 -22.61 0.84
N ALA A 422 -0.35 -23.34 1.74
CA ALA A 422 0.26 -23.76 3.00
C ALA A 422 0.99 -25.06 2.70
N ASN A 423 0.70 -25.61 1.53
CA ASN A 423 1.28 -26.87 1.06
C ASN A 423 0.81 -28.00 1.96
N ALA A 424 -0.39 -27.82 2.49
CA ALA A 424 -1.00 -28.79 3.38
C ALA A 424 -1.86 -29.74 2.56
N VAL A 425 -1.73 -29.63 1.24
CA VAL A 425 -2.47 -30.46 0.30
C VAL A 425 -1.52 -31.09 -0.71
N PRO A 426 -1.64 -32.42 -0.92
CA PRO A 426 -0.81 -33.16 -1.86
C PRO A 426 -0.78 -32.58 -3.27
N GLY A 427 0.42 -32.52 -3.85
CA GLY A 427 0.54 -32.02 -5.22
C GLY A 427 0.85 -30.54 -5.40
N SER A 428 0.76 -29.77 -4.32
CA SER A 428 1.00 -28.33 -4.39
C SER A 428 2.45 -27.94 -4.64
N TYR A 429 2.65 -27.04 -5.61
CA TYR A 429 3.99 -26.55 -5.94
C TYR A 429 4.38 -25.36 -5.06
N ALA A 430 3.45 -24.91 -4.22
CA ALA A 430 3.71 -23.77 -3.34
C ALA A 430 4.37 -24.18 -2.02
N ARG A 431 5.09 -23.24 -1.43
CA ARG A 431 5.77 -23.47 -0.16
C ARG A 431 5.61 -22.25 0.76
N GLY A 432 4.38 -22.02 1.25
CA GLY A 432 4.12 -20.91 2.15
C GLY A 432 3.75 -21.49 3.51
N GLU A 433 3.26 -20.65 4.42
CA GLU A 433 2.89 -21.07 5.79
C GLU A 433 1.63 -20.35 6.27
N SER A 434 0.89 -20.97 7.18
CA SER A 434 -0.31 -20.36 7.75
C SER A 434 0.10 -19.26 8.72
N PHE A 435 -0.71 -18.22 8.80
CA PHE A 435 -0.44 -17.12 9.69
C PHE A 435 -1.67 -16.84 10.55
N GLN A 436 -1.51 -16.93 11.86
CA GLN A 436 -2.61 -16.69 12.78
C GLN A 436 -3.70 -17.74 12.59
N GLY A 441 -9.79 -22.88 10.33
CA GLY A 441 -10.17 -21.55 9.87
C GLY A 441 -9.23 -20.95 8.84
N VAL A 442 -9.72 -19.95 8.12
CA VAL A 442 -8.92 -19.29 7.08
C VAL A 442 -8.51 -17.93 7.60
N HIS A 443 -7.29 -17.51 7.29
CA HIS A 443 -6.84 -16.20 7.74
C HIS A 443 -5.80 -15.57 6.84
N GLY A 444 -4.57 -16.09 6.88
CA GLY A 444 -3.51 -15.56 6.06
C GLY A 444 -2.45 -16.59 5.72
N THR A 445 -1.59 -16.25 4.77
CA THR A 445 -0.51 -17.12 4.33
C THR A 445 0.75 -16.28 4.15
N ASN A 446 1.89 -16.79 4.60
CA ASN A 446 3.15 -16.08 4.44
C ASN A 446 3.97 -16.78 3.34
N GLY A 447 5.03 -16.14 2.87
CA GLY A 447 5.86 -16.72 1.83
C GLY A 447 6.13 -15.77 0.69
N MET A 448 7.28 -15.94 0.04
CA MET A 448 7.69 -15.12 -1.09
C MET A 448 6.89 -15.50 -2.32
N ALA A 449 6.78 -14.57 -3.27
CA ALA A 449 6.06 -14.83 -4.51
C ALA A 449 6.62 -16.06 -5.20
N ALA A 450 7.94 -16.09 -5.36
CA ALA A 450 8.63 -17.23 -5.99
C ALA A 450 8.33 -18.53 -5.25
N ALA A 451 8.18 -18.45 -3.93
CA ALA A 451 7.91 -19.63 -3.12
C ALA A 451 6.48 -20.09 -3.30
N LEU A 452 5.57 -19.15 -3.52
CA LEU A 452 4.18 -19.50 -3.70
C LEU A 452 3.89 -19.94 -5.13
N ALA A 453 4.62 -19.39 -6.08
CA ALA A 453 4.42 -19.69 -7.50
C ALA A 453 4.99 -21.02 -7.98
N GLY A 454 5.74 -21.70 -7.12
CA GLY A 454 6.32 -22.99 -7.47
C GLY A 454 7.81 -22.96 -7.77
N ILE A 455 8.41 -21.78 -7.82
CA ILE A 455 9.84 -21.68 -8.11
C ILE A 455 10.70 -22.33 -7.03
N GLN A 456 10.39 -22.07 -5.76
CA GLN A 456 11.18 -22.67 -4.70
C GLN A 456 11.10 -24.19 -4.72
N ALA A 457 9.90 -24.73 -4.95
CA ALA A 457 9.74 -26.19 -4.99
C ALA A 457 10.52 -26.79 -6.17
N ALA A 458 10.52 -26.07 -7.28
CA ALA A 458 11.23 -26.54 -8.48
C ALA A 458 12.72 -26.59 -8.20
N GLN A 459 13.28 -25.49 -7.71
CA GLN A 459 14.71 -25.46 -7.40
C GLN A 459 15.03 -26.56 -6.39
N GLU A 460 14.18 -26.66 -5.37
CA GLU A 460 14.31 -27.66 -4.32
C GLU A 460 14.46 -29.07 -4.90
N ALA A 461 13.79 -29.31 -6.02
CA ALA A 461 13.82 -30.64 -6.65
C ALA A 461 14.63 -30.71 -7.94
N GLY A 462 15.39 -29.66 -8.24
CA GLY A 462 16.19 -29.66 -9.45
C GLY A 462 15.41 -30.07 -10.69
N ASP A 463 14.17 -29.64 -10.77
CA ASP A 463 13.30 -29.96 -11.89
C ASP A 463 13.15 -28.77 -12.84
N ALA A 464 13.96 -28.74 -13.89
CA ALA A 464 13.95 -27.64 -14.86
C ALA A 464 12.63 -27.41 -15.57
N ALA A 465 11.88 -28.47 -15.81
CA ALA A 465 10.61 -28.33 -16.51
C ALA A 465 9.65 -27.54 -15.62
N ALA A 466 9.61 -27.88 -14.34
CA ALA A 466 8.74 -27.23 -13.38
C ALA A 466 9.16 -25.78 -13.15
N LEU A 467 10.46 -25.54 -13.14
CA LEU A 467 10.99 -24.20 -12.94
C LEU A 467 10.51 -23.24 -14.02
N ALA A 468 10.54 -23.68 -15.27
CA ALA A 468 10.09 -22.81 -16.34
C ALA A 468 8.60 -22.50 -16.19
N VAL A 469 7.80 -23.52 -15.95
CA VAL A 469 6.35 -23.33 -15.79
C VAL A 469 6.07 -22.35 -14.67
N ALA A 470 6.83 -22.49 -13.58
CA ALA A 470 6.71 -21.63 -12.40
C ALA A 470 7.08 -20.19 -12.75
N VAL A 471 8.17 -20.02 -13.51
CA VAL A 471 8.57 -18.67 -13.92
C VAL A 471 7.34 -18.06 -14.60
N ASP A 472 6.69 -18.86 -15.44
CA ASP A 472 5.50 -18.38 -16.15
C ASP A 472 4.39 -17.94 -15.19
N ARG A 473 4.16 -18.71 -14.12
CA ARG A 473 3.12 -18.33 -13.17
C ARG A 473 3.43 -16.99 -12.50
N LEU A 474 4.69 -16.82 -12.10
CA LEU A 474 5.09 -15.58 -11.46
C LEU A 474 4.94 -14.39 -12.40
N VAL A 475 5.41 -14.55 -13.62
CA VAL A 475 5.32 -13.45 -14.58
C VAL A 475 3.87 -13.12 -14.87
N LEU A 476 3.04 -14.17 -14.95
CA LEU A 476 1.62 -14.00 -15.21
C LEU A 476 1.00 -13.05 -14.19
N LEU A 477 1.19 -13.33 -12.90
CA LEU A 477 0.66 -12.51 -11.83
C LEU A 477 1.13 -11.06 -11.93
N TYR A 478 2.41 -10.86 -12.20
CA TYR A 478 2.95 -9.51 -12.31
C TYR A 478 2.45 -8.74 -13.55
N ALA A 479 2.21 -9.46 -14.64
CA ALA A 479 1.74 -8.86 -15.88
C ALA A 479 0.42 -8.15 -15.64
N ILE A 480 -0.38 -8.74 -14.75
CA ILE A 480 -1.66 -8.16 -14.43
C ILE A 480 -1.49 -6.84 -13.68
N ALA A 481 -0.65 -6.85 -12.66
CA ALA A 481 -0.40 -5.66 -11.86
C ALA A 481 0.15 -4.57 -12.78
N LEU A 482 1.02 -4.96 -13.70
CA LEU A 482 1.63 -4.02 -14.64
C LEU A 482 0.64 -3.44 -15.64
N ALA A 483 -0.44 -4.15 -15.91
CA ALA A 483 -1.48 -3.70 -16.84
C ALA A 483 -2.52 -2.76 -16.20
N MET A 484 -2.46 -2.65 -14.88
CA MET A 484 -3.42 -1.85 -14.10
C MET A 484 -3.23 -0.34 -14.13
N PRO A 485 -4.32 0.41 -13.89
CA PRO A 485 -4.29 1.88 -13.86
C PRO A 485 -3.77 2.39 -12.51
N GLY A 486 -2.55 2.91 -12.50
CA GLY A 486 -1.97 3.40 -11.27
C GLY A 486 -0.54 2.94 -11.08
N VAL A 487 -0.17 2.62 -9.86
CA VAL A 487 1.20 2.20 -9.60
C VAL A 487 1.33 0.73 -9.30
N PRO A 488 2.06 -0.02 -10.15
CA PRO A 488 2.27 -1.46 -9.96
C PRO A 488 3.52 -1.54 -9.06
N LEU A 489 3.35 -2.03 -7.84
CA LEU A 489 4.43 -2.10 -6.85
C LEU A 489 5.13 -3.44 -6.77
N ILE A 490 6.41 -3.47 -7.16
CA ILE A 490 7.19 -4.71 -7.07
C ILE A 490 7.76 -4.86 -5.64
N TYR A 491 7.65 -6.06 -5.07
CA TYR A 491 8.17 -6.32 -3.74
C TYR A 491 9.62 -6.81 -3.89
N MET A 492 10.54 -6.15 -3.20
CA MET A 492 11.96 -6.46 -3.28
C MET A 492 12.38 -7.93 -3.40
N GLY A 493 13.11 -8.23 -4.47
CA GLY A 493 13.57 -9.57 -4.66
C GLY A 493 12.77 -10.34 -5.69
N ASP A 494 11.49 -10.01 -5.81
CA ASP A 494 10.63 -10.70 -6.76
C ASP A 494 11.18 -10.61 -8.19
N GLU A 495 11.89 -9.53 -8.50
CA GLU A 495 12.46 -9.37 -9.85
C GLU A 495 13.63 -10.35 -10.08
N LEU A 496 13.99 -11.09 -9.04
CA LEU A 496 15.08 -12.05 -9.10
C LEU A 496 14.61 -13.44 -8.62
N ALA A 497 13.30 -13.56 -8.41
CA ALA A 497 12.71 -14.82 -7.96
C ALA A 497 13.23 -15.30 -6.59
N MET A 498 13.58 -14.37 -5.72
CA MET A 498 14.07 -14.75 -4.40
C MET A 498 13.01 -15.61 -3.66
N VAL A 499 13.49 -16.65 -2.97
CA VAL A 499 12.59 -17.54 -2.25
C VAL A 499 12.56 -17.24 -0.75
N ASN A 500 11.88 -18.06 0.03
CA ASN A 500 11.77 -17.84 1.49
C ASN A 500 13.04 -17.71 2.32
N ASP A 501 12.88 -17.22 3.54
CA ASP A 501 14.01 -17.08 4.46
C ASP A 501 13.66 -17.69 5.80
N PRO A 502 13.94 -19.00 5.97
CA PRO A 502 13.67 -19.76 7.20
C PRO A 502 14.51 -19.27 8.36
N GLY A 503 15.49 -18.43 8.06
CA GLY A 503 16.38 -17.91 9.08
C GLY A 503 15.74 -17.39 10.35
N TYR A 504 14.63 -16.68 10.23
CA TYR A 504 13.98 -16.12 11.41
C TYR A 504 13.67 -17.18 12.45
N ARG A 505 13.37 -18.39 12.00
CA ARG A 505 13.03 -19.49 12.90
C ARG A 505 14.10 -19.68 13.98
N ASP A 506 15.37 -19.49 13.62
CA ASP A 506 16.45 -19.64 14.57
C ASP A 506 16.76 -18.31 15.25
N ASP A 507 15.77 -17.46 15.43
CA ASP A 507 16.01 -16.17 16.07
C ASP A 507 15.01 -15.83 17.17
N PRO A 508 15.45 -15.87 18.44
CA PRO A 508 14.57 -15.56 19.57
C PRO A 508 13.90 -14.20 19.44
N HIS A 509 14.48 -13.33 18.62
CA HIS A 509 13.93 -11.99 18.38
C HIS A 509 12.89 -11.96 17.26
N ARG A 510 12.82 -13.02 16.45
CA ARG A 510 11.87 -13.04 15.34
C ARG A 510 11.07 -14.33 15.21
N GLN A 511 11.61 -15.42 15.71
CA GLN A 511 10.96 -16.72 15.62
C GLN A 511 9.46 -16.73 15.90
N HIS A 512 8.98 -15.72 16.64
CA HIS A 512 7.58 -15.62 16.97
C HIS A 512 6.69 -14.94 15.91
N GLU A 513 7.34 -14.28 14.96
CA GLU A 513 6.63 -13.56 13.90
C GLU A 513 6.84 -14.23 12.54
N GLY A 514 5.86 -15.05 12.15
CA GLY A 514 5.94 -15.78 10.89
C GLY A 514 6.19 -14.99 9.62
N ARG A 515 5.74 -13.74 9.60
CA ARG A 515 5.92 -12.91 8.42
C ARG A 515 7.39 -12.70 8.00
N TRP A 516 8.34 -12.99 8.88
CA TRP A 516 9.75 -12.81 8.50
C TRP A 516 10.12 -13.79 7.38
N LEU A 517 9.33 -14.84 7.23
CA LEU A 517 9.56 -15.83 6.18
C LEU A 517 9.75 -15.20 4.78
N HIS A 518 9.03 -14.11 4.51
CA HIS A 518 9.13 -13.43 3.22
C HIS A 518 9.71 -12.03 3.33
N ARG A 519 10.60 -11.83 4.30
CA ARG A 519 11.25 -10.54 4.48
C ARG A 519 12.76 -10.77 4.49
N PRO A 520 13.29 -11.38 3.42
CA PRO A 520 14.74 -11.63 3.37
C PRO A 520 15.57 -10.39 3.06
N ALA A 521 16.86 -10.47 3.37
CA ALA A 521 17.79 -9.40 3.08
C ALA A 521 18.03 -9.51 1.57
N MET A 522 18.38 -8.40 0.93
CA MET A 522 18.62 -8.43 -0.50
C MET A 522 19.81 -9.30 -0.86
N ASP A 523 19.64 -10.15 -1.87
CA ASP A 523 20.69 -11.04 -2.34
C ASP A 523 21.38 -10.33 -3.52
N TRP A 524 22.42 -9.55 -3.21
CA TRP A 524 23.14 -8.81 -4.25
C TRP A 524 24.02 -9.65 -5.18
N GLN A 525 24.27 -10.90 -4.83
CA GLN A 525 25.08 -11.74 -5.70
C GLN A 525 24.10 -12.28 -6.73
N LEU A 526 22.88 -12.52 -6.26
CA LEU A 526 21.81 -12.99 -7.12
C LEU A 526 21.46 -11.85 -8.07
N ALA A 527 21.59 -10.62 -7.59
CA ALA A 527 21.29 -9.44 -8.39
C ALA A 527 22.26 -9.28 -9.54
N ALA A 528 23.50 -9.67 -9.31
CA ALA A 528 24.53 -9.56 -10.33
C ALA A 528 24.20 -10.51 -11.48
N GLN A 529 23.52 -11.61 -11.16
CA GLN A 529 23.16 -12.60 -12.17
C GLN A 529 22.08 -12.14 -13.13
N ARG A 530 21.40 -11.06 -12.78
CA ARG A 530 20.34 -10.49 -13.62
C ARG A 530 20.85 -10.31 -15.06
N HIS A 531 22.18 -10.29 -15.20
CA HIS A 531 22.82 -10.11 -16.49
C HIS A 531 22.86 -11.43 -17.25
N ASP A 532 23.34 -12.49 -16.60
CA ASP A 532 23.38 -13.79 -17.25
C ASP A 532 21.96 -14.17 -17.63
N ALA A 533 21.59 -13.90 -18.88
CA ALA A 533 20.25 -14.19 -19.36
C ALA A 533 19.82 -15.64 -19.12
N LYS A 534 20.80 -16.52 -18.94
CA LYS A 534 20.52 -17.93 -18.74
C LYS A 534 20.23 -18.32 -17.28
N SER A 535 20.47 -17.42 -16.35
CA SER A 535 20.22 -17.73 -14.96
C SER A 535 18.74 -17.55 -14.66
N LEU A 536 18.27 -18.16 -13.58
CA LEU A 536 16.87 -18.05 -13.20
C LEU A 536 16.55 -16.58 -12.93
N SER A 537 17.37 -15.96 -12.10
CA SER A 537 17.18 -14.55 -11.76
C SER A 537 17.20 -13.69 -13.00
N GLY A 538 18.18 -13.94 -13.88
CA GLY A 538 18.30 -13.18 -15.11
C GLY A 538 17.10 -13.41 -15.98
N THR A 539 16.54 -14.61 -15.93
CA THR A 539 15.37 -14.92 -16.74
C THR A 539 14.16 -14.17 -16.21
N VAL A 540 13.88 -14.33 -14.92
CA VAL A 540 12.76 -13.63 -14.30
C VAL A 540 12.91 -12.13 -14.49
N TYR A 541 14.11 -11.61 -14.28
CA TYR A 541 14.36 -10.19 -14.41
C TYR A 541 14.11 -9.67 -15.82
N ARG A 542 14.46 -10.47 -16.82
CA ARG A 542 14.27 -10.08 -18.23
C ARG A 542 12.79 -10.05 -18.61
N ARG A 543 12.04 -11.06 -18.18
CA ARG A 543 10.62 -11.13 -18.50
C ARG A 543 9.88 -9.92 -17.90
N LEU A 544 10.17 -9.60 -16.64
CA LEU A 544 9.52 -8.48 -15.98
C LEU A 544 9.90 -7.18 -16.68
N ARG A 545 11.20 -7.01 -16.90
CA ARG A 545 11.72 -5.83 -17.55
C ARG A 545 11.02 -5.62 -18.89
N GLY A 546 10.68 -6.72 -19.55
CA GLY A 546 9.97 -6.62 -20.81
C GLY A 546 8.64 -5.93 -20.63
N LEU A 547 7.80 -6.47 -19.74
CA LEU A 547 6.48 -5.91 -19.47
C LEU A 547 6.51 -4.46 -18.99
N ILE A 548 7.58 -4.10 -18.27
CA ILE A 548 7.73 -2.74 -17.76
C ILE A 548 8.02 -1.73 -18.89
N ARG A 549 8.90 -2.10 -19.82
CA ARG A 549 9.27 -1.24 -20.94
C ARG A 549 8.07 -1.08 -21.86
N GLN A 550 7.31 -2.15 -22.03
CA GLN A 550 6.13 -2.12 -22.87
C GLN A 550 5.02 -1.24 -22.27
N ARG A 551 4.73 -1.43 -20.98
CA ARG A 551 3.67 -0.61 -20.38
C ARG A 551 4.05 0.87 -20.41
N ALA A 552 5.33 1.17 -20.29
CA ALA A 552 5.75 2.57 -20.32
C ALA A 552 5.46 3.24 -21.67
N ALA A 553 5.30 2.45 -22.72
CA ALA A 553 5.03 2.97 -24.07
C ALA A 553 3.55 2.93 -24.46
N LEU A 554 2.68 2.62 -23.50
CA LEU A 554 1.27 2.52 -23.82
C LEU A 554 0.40 3.55 -23.11
N GLY A 555 0.18 4.68 -23.78
CA GLY A 555 -0.64 5.72 -23.18
C GLY A 555 -1.97 5.15 -22.74
N ALA A 556 -2.38 4.05 -23.37
CA ALA A 556 -3.65 3.39 -23.05
C ALA A 556 -3.68 2.83 -21.63
N LEU A 557 -2.51 2.69 -21.02
CA LEU A 557 -2.43 2.18 -19.66
C LEU A 557 -2.44 3.28 -18.61
N ALA A 558 -2.39 4.54 -19.04
CA ALA A 558 -2.41 5.68 -18.11
C ALA A 558 -3.60 5.51 -17.17
N ALA A 559 -3.52 6.04 -15.96
CA ALA A 559 -4.61 5.88 -15.02
C ALA A 559 -5.92 6.51 -15.45
N ASP A 560 -5.86 7.54 -16.28
CA ASP A 560 -7.08 8.19 -16.75
C ASP A 560 -7.86 7.30 -17.72
N GLN A 561 -7.16 6.38 -18.39
CA GLN A 561 -7.82 5.48 -19.35
C GLN A 561 -8.67 4.43 -18.64
N ALA A 562 -9.71 3.95 -19.31
CA ALA A 562 -10.60 2.96 -18.71
C ALA A 562 -10.02 1.55 -18.47
N LEU A 563 -10.57 0.89 -17.45
CA LEU A 563 -10.20 -0.46 -17.04
C LEU A 563 -11.46 -1.32 -17.05
N ALA A 564 -11.44 -2.37 -17.84
CA ALA A 564 -12.60 -3.26 -17.94
C ALA A 564 -12.12 -4.66 -18.25
N SER A 565 -13.04 -5.62 -18.24
CA SER A 565 -12.72 -7.02 -18.52
C SER A 565 -13.79 -7.61 -19.41
N ILE A 566 -13.39 -8.43 -20.38
CA ILE A 566 -14.36 -9.03 -21.28
C ILE A 566 -14.87 -10.38 -20.78
N ALA A 567 -16.18 -10.51 -20.66
CA ALA A 567 -16.78 -11.77 -20.22
C ALA A 567 -16.58 -12.88 -21.26
N LEU A 568 -15.99 -13.99 -20.82
CA LEU A 568 -15.73 -15.14 -21.68
C LEU A 568 -16.38 -16.37 -21.04
N ASN A 569 -16.70 -17.39 -21.84
CA ASN A 569 -17.29 -18.60 -21.28
C ASN A 569 -16.25 -19.66 -20.96
N ASP A 570 -14.98 -19.35 -21.16
CA ASP A 570 -13.91 -20.30 -20.84
C ASP A 570 -13.40 -19.85 -19.47
N PRO A 571 -13.74 -20.58 -18.42
CA PRO A 571 -13.34 -20.28 -17.04
C PRO A 571 -11.84 -20.06 -16.85
N ARG A 572 -11.03 -20.62 -17.73
CA ARG A 572 -9.58 -20.51 -17.59
C ARG A 572 -8.94 -19.19 -18.03
N VAL A 573 -9.65 -18.44 -18.85
CA VAL A 573 -9.09 -17.20 -19.38
C VAL A 573 -9.58 -15.93 -18.72
N PHE A 574 -8.70 -14.94 -18.69
CA PHE A 574 -8.99 -13.63 -18.14
C PHE A 574 -8.54 -12.60 -19.18
N ALA A 575 -9.49 -11.82 -19.69
CA ALA A 575 -9.18 -10.80 -20.67
C ALA A 575 -9.36 -9.42 -20.04
N LEU A 576 -8.27 -8.68 -19.94
CA LEU A 576 -8.30 -7.33 -19.35
C LEU A 576 -8.15 -6.27 -20.46
N THR A 577 -8.89 -5.18 -20.34
CA THR A 577 -8.80 -4.12 -21.37
C THR A 577 -8.50 -2.78 -20.74
N ARG A 578 -7.73 -2.00 -21.47
CA ARG A 578 -7.33 -0.66 -21.04
C ARG A 578 -7.70 0.29 -22.17
N GLY A 579 -8.49 1.31 -21.86
CA GLY A 579 -8.91 2.26 -22.87
C GLY A 579 -9.72 1.54 -23.92
N ASP A 580 -9.46 1.83 -25.20
CA ASP A 580 -10.17 1.13 -26.25
C ASP A 580 -9.22 0.53 -27.28
N SER A 581 -7.92 0.55 -27.01
CA SER A 581 -6.96 0.00 -27.95
C SER A 581 -6.10 -1.14 -27.40
N PHE A 582 -6.19 -1.39 -26.10
CA PHE A 582 -5.38 -2.43 -25.46
C PHE A 582 -6.15 -3.55 -24.77
N ILE A 583 -5.67 -4.76 -24.98
CA ILE A 583 -6.25 -5.92 -24.34
C ILE A 583 -5.14 -6.90 -23.96
N ALA A 584 -5.26 -7.44 -22.76
CA ALA A 584 -4.27 -8.41 -22.27
C ALA A 584 -5.03 -9.68 -22.00
N LEU A 585 -4.56 -10.78 -22.59
CA LEU A 585 -5.19 -12.08 -22.40
C LEU A 585 -4.32 -12.91 -21.48
N HIS A 586 -4.97 -13.60 -20.54
CA HIS A 586 -4.30 -14.42 -19.53
C HIS A 586 -4.88 -15.82 -19.42
N ASN A 587 -4.01 -16.81 -19.45
CA ASN A 587 -4.39 -18.22 -19.33
C ASN A 587 -3.99 -18.73 -17.95
N PHE A 588 -4.95 -18.83 -17.05
CA PHE A 588 -4.64 -19.30 -15.70
C PHE A 588 -4.66 -20.81 -15.54
N SER A 589 -4.61 -21.54 -16.65
CA SER A 589 -4.61 -23.00 -16.58
C SER A 589 -3.28 -23.54 -17.09
N ASP A 590 -3.02 -24.81 -16.85
CA ASP A 590 -1.77 -25.42 -17.30
C ASP A 590 -1.97 -26.05 -18.68
N GLN A 591 -3.14 -25.83 -19.27
CA GLN A 591 -3.49 -26.37 -20.57
C GLN A 591 -3.39 -25.38 -21.73
N LEU A 592 -2.92 -25.86 -22.88
CA LEU A 592 -2.81 -25.00 -24.06
C LEU A 592 -4.24 -24.73 -24.53
N LEU A 593 -4.49 -23.52 -24.99
CA LEU A 593 -5.82 -23.19 -25.48
C LEU A 593 -5.76 -21.93 -26.34
N ASP A 594 -6.89 -21.56 -26.92
CA ASP A 594 -6.91 -20.38 -27.76
C ASP A 594 -8.16 -19.56 -27.48
N VAL A 595 -8.04 -18.25 -27.68
CA VAL A 595 -9.15 -17.35 -27.47
C VAL A 595 -9.60 -16.86 -28.83
N GLU A 596 -10.85 -17.12 -29.16
CA GLU A 596 -11.41 -16.71 -30.44
C GLU A 596 -11.62 -15.21 -30.50
N LEU A 597 -11.12 -14.59 -31.56
CA LEU A 597 -11.25 -13.15 -31.76
C LEU A 597 -12.70 -12.69 -31.66
N ALA A 598 -13.62 -13.58 -32.03
CA ALA A 598 -15.04 -13.27 -31.98
C ALA A 598 -15.52 -13.13 -30.53
N ALA A 599 -14.74 -13.70 -29.60
CA ALA A 599 -15.09 -13.68 -28.17
C ALA A 599 -14.63 -12.39 -27.49
N ILE A 600 -13.83 -11.60 -28.20
CA ILE A 600 -13.33 -10.36 -27.64
C ILE A 600 -13.57 -9.17 -28.56
N GLY A 601 -14.30 -9.40 -29.66
CA GLY A 601 -14.57 -8.35 -30.62
C GLY A 601 -13.35 -7.61 -31.12
N VAL A 602 -12.39 -8.34 -31.68
CA VAL A 602 -11.17 -7.72 -32.17
C VAL A 602 -10.72 -8.25 -33.53
N ASP A 603 -9.43 -8.09 -33.80
CA ASP A 603 -8.81 -8.53 -35.06
C ASP A 603 -7.52 -7.74 -35.32
N GLY A 604 -6.53 -7.82 -34.42
CA GLY A 604 -5.32 -7.05 -34.66
C GLY A 604 -3.99 -7.31 -33.96
N TRP A 605 -3.21 -6.23 -33.85
CA TRP A 605 -1.86 -6.18 -33.28
C TRP A 605 -1.50 -6.90 -31.98
N THR A 606 -0.21 -7.25 -31.88
CA THR A 606 0.36 -7.94 -30.72
C THR A 606 1.62 -7.19 -30.24
N LEU A 607 1.68 -6.89 -28.95
CA LEU A 607 2.79 -6.13 -28.36
C LEU A 607 4.10 -6.87 -28.07
N LEU A 608 4.95 -6.26 -27.24
CA LEU A 608 6.25 -6.83 -26.88
C LEU A 608 6.16 -8.30 -26.49
N ARG A 620 -0.39 -8.25 -36.40
CA ARG A 620 -0.05 -9.66 -36.55
C ARG A 620 -1.23 -10.56 -36.20
N GLY A 621 -2.33 -9.95 -35.77
CA GLY A 621 -3.49 -10.74 -35.39
C GLY A 621 -4.51 -11.04 -36.46
N ASP A 622 -4.61 -12.31 -36.82
CA ASP A 622 -5.58 -12.78 -37.83
C ASP A 622 -5.99 -14.20 -37.43
N GLY A 623 -7.02 -14.30 -36.58
CA GLY A 623 -7.48 -15.59 -36.12
C GLY A 623 -7.32 -15.64 -34.61
N SER A 624 -7.90 -16.65 -33.95
CA SER A 624 -7.82 -16.74 -32.50
C SER A 624 -6.39 -16.62 -31.99
N ILE A 625 -6.26 -16.30 -30.70
CA ILE A 625 -4.95 -16.16 -30.09
C ILE A 625 -4.66 -17.38 -29.23
N VAL A 626 -3.59 -18.07 -29.60
CA VAL A 626 -3.19 -19.26 -28.86
C VAL A 626 -2.38 -18.83 -27.67
N LEU A 627 -2.80 -19.29 -26.49
CA LEU A 627 -2.13 -18.96 -25.24
C LEU A 627 -1.64 -20.23 -24.58
N PRO A 628 -0.33 -20.36 -24.41
CA PRO A 628 0.24 -21.56 -23.78
C PRO A 628 -0.17 -21.58 -22.28
N PRO A 629 0.27 -22.62 -21.55
CA PRO A 629 -0.09 -22.69 -20.12
C PRO A 629 0.45 -21.49 -19.36
N TYR A 630 -0.39 -20.90 -18.51
CA TYR A 630 -0.01 -19.76 -17.69
C TYR A 630 0.60 -18.65 -18.55
N GLY A 631 0.09 -18.52 -19.78
CA GLY A 631 0.63 -17.51 -20.67
C GLY A 631 -0.16 -16.21 -20.75
N VAL A 632 0.56 -15.14 -21.06
CA VAL A 632 -0.05 -13.83 -21.17
C VAL A 632 0.30 -13.23 -22.51
N ARG A 633 -0.64 -12.50 -23.10
CA ARG A 633 -0.40 -11.86 -24.38
C ARG A 633 -1.02 -10.46 -24.36
N TRP A 634 -0.23 -9.47 -24.77
CA TRP A 634 -0.68 -8.09 -24.82
C TRP A 634 -0.93 -7.77 -26.28
N LEU A 635 -2.08 -7.17 -26.57
CA LEU A 635 -2.43 -6.85 -27.94
C LEU A 635 -3.03 -5.48 -28.04
N GLN A 636 -2.82 -4.81 -29.17
CA GLN A 636 -3.39 -3.51 -29.38
C GLN A 636 -4.57 -3.73 -30.32
N ARG A 637 -5.76 -3.79 -29.72
CA ARG A 637 -7.02 -3.99 -30.43
C ARG A 637 -7.00 -3.37 -31.83
N GLY A 638 -7.62 -4.06 -32.79
CA GLY A 638 -7.64 -3.53 -34.14
C GLY A 638 -6.46 -4.02 -34.97
#